data_8OE6
#
_entry.id   8OE6
#
_cell.length_a   44.431
_cell.length_b   67.998
_cell.length_c   122.379
_cell.angle_alpha   90.00
_cell.angle_beta   90.00
_cell.angle_gamma   90.00
#
_symmetry.space_group_name_H-M   'P 21 21 21'
#
loop_
_entity.id
_entity.type
_entity.pdbx_description
1 polymer 'Structure of hyperstable haloalkane dehalogenase variant DhaA231'
2 non-polymer 'MAGNESIUM ION'
3 non-polymer 'CHLORIDE ION'
4 water water
#
_entity_poly.entity_id   1
_entity_poly.type   'polypeptide(L)'
_entity_poly.pdbx_seq_one_letter_code
;MSEIGTSFPFDPHYVEVLGSRMHYVDVGPRDGTPVLFLHGNPTSSYLWRNIIPHVAPTHRCIAPDLIGMGKSDKPDLDYR
FEDHVRYLDAFIEALGLEDVVLVIHDWGSALGFHWARRNPERVRGIAFMEFIRPIPTWDEWPEFARELFKAFRTPGVGRK
MIIEQNMFIEQILPAFVVRPLTEEEMDHYREPFLKPEWREPLWRFPNELPIAGEPADVWALVEAYMRWLHQSPVPKLLFW
GEPGVLIPPEEAERCRESLPNLKTVFIGPGLHYLQEDNPDEIGSEIARWLPALHHHHHH
;
_entity_poly.pdbx_strand_id   A
#
# COMPACT_ATOMS: atom_id res chain seq x y z
N ILE A 4 -12.42 -16.68 -2.90
CA ILE A 4 -11.99 -15.33 -2.54
C ILE A 4 -13.21 -14.40 -2.41
N GLY A 5 -13.46 -13.90 -1.19
CA GLY A 5 -14.71 -13.19 -0.93
C GLY A 5 -14.78 -11.84 -1.63
N THR A 6 -15.98 -11.44 -2.01
CA THR A 6 -16.13 -10.14 -2.67
C THR A 6 -16.80 -9.09 -1.79
N SER A 7 -17.34 -9.49 -0.64
CA SER A 7 -18.08 -8.54 0.18
C SER A 7 -17.08 -7.77 1.04
N PHE A 8 -17.57 -6.67 1.60
CA PHE A 8 -16.80 -5.84 2.51
C PHE A 8 -17.56 -5.73 3.82
N PRO A 9 -17.49 -6.77 4.67
CA PRO A 9 -18.39 -6.85 5.83
C PRO A 9 -17.76 -6.18 7.04
N PHE A 10 -17.45 -4.88 6.89
CA PHE A 10 -16.83 -4.18 7.99
C PHE A 10 -17.60 -2.91 8.27
N ASP A 11 -17.96 -2.76 9.52
CA ASP A 11 -18.68 -1.57 9.96
C ASP A 11 -17.84 -0.33 9.68
N PRO A 12 -18.40 0.72 9.11
CA PRO A 12 -17.58 1.91 8.81
C PRO A 12 -17.22 2.64 10.10
N HIS A 13 -15.96 3.06 10.19
CA HIS A 13 -15.56 4.00 11.21
C HIS A 13 -15.02 5.24 10.52
N TYR A 14 -15.20 6.37 11.13
CA TYR A 14 -14.72 7.64 10.57
C TYR A 14 -14.01 8.39 11.68
N VAL A 15 -12.98 9.14 11.32
CA VAL A 15 -12.33 10.04 12.25
C VAL A 15 -12.02 11.33 11.49
N GLU A 16 -12.09 12.46 12.17
CA GLU A 16 -11.77 13.75 11.56
C GLU A 16 -10.27 13.93 11.62
N VAL A 17 -9.67 14.27 10.48
CA VAL A 17 -8.23 14.35 10.31
C VAL A 17 -7.97 15.60 9.49
N LEU A 18 -7.36 16.60 10.10
CA LEU A 18 -7.00 17.84 9.40
C LEU A 18 -8.18 18.43 8.65
N GLY A 19 -9.38 18.31 9.20
CA GLY A 19 -10.57 18.91 8.60
C GLY A 19 -11.37 17.99 7.72
N SER A 20 -10.89 16.78 7.46
CA SER A 20 -11.56 15.83 6.58
C SER A 20 -11.85 14.53 7.29
N ARG A 21 -12.96 13.92 6.98
CA ARG A 21 -13.25 12.58 7.51
C ARG A 21 -12.43 11.53 6.78
N MET A 22 -11.79 10.62 7.53
CA MET A 22 -11.16 9.45 6.96
C MET A 22 -11.89 8.19 7.45
N HIS A 23 -12.18 7.31 6.52
CA HIS A 23 -12.82 6.03 6.83
C HIS A 23 -11.77 4.98 7.15
N TYR A 24 -12.12 4.09 8.08
CA TYR A 24 -11.25 2.96 8.39
C TYR A 24 -12.06 1.77 8.86
N VAL A 25 -11.48 0.57 8.57
CA VAL A 25 -11.88 -0.67 9.23
C VAL A 25 -11.26 -0.73 10.60
N ASP A 26 -12.02 -1.22 11.57
CA ASP A 26 -11.48 -1.42 12.92
C ASP A 26 -12.17 -2.66 13.48
N VAL A 27 -11.41 -3.76 13.59
CA VAL A 27 -11.93 -5.02 14.11
C VAL A 27 -10.89 -5.62 15.06
N GLY A 28 -11.27 -6.70 15.73
CA GLY A 28 -10.33 -7.43 16.55
C GLY A 28 -10.31 -6.94 17.98
N PRO A 29 -9.52 -7.56 18.85
CA PRO A 29 -9.52 -7.19 20.27
C PRO A 29 -9.13 -5.74 20.48
N ARG A 30 -9.57 -5.19 21.60
CA ARG A 30 -9.36 -3.79 21.91
C ARG A 30 -8.04 -3.50 22.62
N ASP A 31 -7.25 -4.51 22.91
CA ASP A 31 -5.93 -4.33 23.51
C ASP A 31 -4.88 -5.06 22.67
N GLY A 32 -3.65 -5.04 23.14
CA GLY A 32 -2.53 -5.55 22.36
C GLY A 32 -2.09 -4.55 21.30
N THR A 33 -1.02 -4.93 20.63
CA THR A 33 -0.52 -4.07 19.54
C THR A 33 -1.48 -4.15 18.36
N PRO A 34 -1.89 -3.03 17.80
CA PRO A 34 -2.73 -3.07 16.61
C PRO A 34 -1.91 -3.29 15.34
N VAL A 35 -2.56 -3.88 14.35
CA VAL A 35 -1.97 -4.15 13.05
C VAL A 35 -2.61 -3.14 12.08
N LEU A 36 -1.78 -2.28 11.50
CA LEU A 36 -2.19 -1.19 10.64
C LEU A 36 -1.90 -1.56 9.18
N PHE A 37 -2.95 -1.69 8.38
CA PHE A 37 -2.89 -2.11 6.97
C PHE A 37 -2.99 -0.90 6.07
N LEU A 38 -2.01 -0.72 5.17
CA LEU A 38 -1.92 0.48 4.32
C LEU A 38 -1.93 0.05 2.86
N HIS A 39 -3.04 0.38 2.16
CA HIS A 39 -3.17 0.13 0.73
C HIS A 39 -2.43 1.24 -0.05
N GLY A 40 -2.38 1.06 -1.38
CA GLY A 40 -1.80 2.03 -2.29
C GLY A 40 -2.75 2.36 -3.45
N ASN A 41 -2.17 2.58 -4.62
CA ASN A 41 -2.93 3.08 -5.77
C ASN A 41 -3.40 1.92 -6.64
N PRO A 42 -4.64 1.82 -7.15
CA PRO A 42 -5.78 2.73 -6.95
C PRO A 42 -6.80 2.10 -6.01
N THR A 43 -6.33 1.53 -4.91
CA THR A 43 -7.18 0.64 -4.08
C THR A 43 -7.66 1.36 -2.83
N SER A 44 -8.08 0.60 -1.83
CA SER A 44 -8.58 1.12 -0.54
C SER A 44 -8.43 -0.03 0.45
N SER A 45 -9.03 0.14 1.63
CA SER A 45 -9.13 -0.93 2.59
C SER A 45 -9.80 -2.17 2.02
N TYR A 46 -10.61 -2.04 0.96
CA TYR A 46 -11.21 -3.21 0.31
C TYR A 46 -10.13 -4.24 -0.07
N LEU A 47 -8.91 -3.78 -0.43
CA LEU A 47 -7.85 -4.69 -0.85
C LEU A 47 -7.50 -5.67 0.26
N TRP A 48 -7.71 -5.30 1.52
CA TRP A 48 -7.34 -6.12 2.68
C TRP A 48 -8.50 -6.97 3.20
N ARG A 49 -9.66 -6.98 2.53
CA ARG A 49 -10.88 -7.54 3.10
C ARG A 49 -10.76 -9.01 3.41
N ASN A 50 -9.97 -9.75 2.64
CA ASN A 50 -9.84 -11.20 2.84
C ASN A 50 -8.62 -11.59 3.65
N ILE A 51 -7.82 -10.60 3.99
CA ILE A 51 -6.62 -10.80 4.81
C ILE A 51 -6.91 -10.52 6.28
N ILE A 52 -7.63 -9.43 6.54
CA ILE A 52 -7.99 -9.01 7.89
C ILE A 52 -8.65 -10.13 8.69
N PRO A 53 -9.56 -10.93 8.16
CA PRO A 53 -10.21 -11.95 9.00
C PRO A 53 -9.26 -13.01 9.54
N HIS A 54 -8.09 -13.20 8.93
CA HIS A 54 -7.09 -14.11 9.50
C HIS A 54 -6.38 -13.51 10.71
N VAL A 55 -6.31 -12.19 10.80
CA VAL A 55 -5.53 -11.51 11.83
C VAL A 55 -6.41 -11.09 13.01
N ALA A 56 -7.65 -10.66 12.73
CA ALA A 56 -8.63 -10.18 13.72
C ALA A 56 -8.83 -11.14 14.89
N PRO A 57 -8.77 -12.47 14.74
CA PRO A 57 -8.95 -13.32 15.91
C PRO A 57 -7.97 -13.03 17.04
N THR A 58 -6.76 -12.58 16.74
CA THR A 58 -5.76 -12.36 17.76
C THR A 58 -5.35 -10.91 17.93
N HIS A 59 -5.56 -10.03 16.94
CA HIS A 59 -5.04 -8.66 17.01
C HIS A 59 -6.03 -7.69 16.43
N ARG A 60 -6.04 -6.51 17.03
CA ARG A 60 -6.79 -5.41 16.44
C ARG A 60 -6.24 -5.13 15.05
N CYS A 61 -7.15 -4.91 14.10
CA CYS A 61 -6.84 -4.54 12.71
C CYS A 61 -7.45 -3.20 12.37
N ILE A 62 -6.58 -2.31 11.90
CA ILE A 62 -6.99 -0.94 11.52
C ILE A 62 -6.59 -0.79 10.07
N ALA A 63 -7.52 -0.46 9.19
CA ALA A 63 -7.21 -0.32 7.76
C ALA A 63 -7.87 0.96 7.28
N PRO A 64 -7.12 2.06 7.19
CA PRO A 64 -7.69 3.32 6.68
C PRO A 64 -7.76 3.33 5.18
N ASP A 65 -8.70 4.12 4.69
CA ASP A 65 -8.66 4.57 3.29
C ASP A 65 -7.88 5.87 3.24
N LEU A 66 -6.83 5.90 2.41
CA LEU A 66 -6.04 7.11 2.29
C LEU A 66 -6.92 8.29 1.84
N ILE A 67 -6.46 9.50 2.15
CA ILE A 67 -7.23 10.69 1.83
C ILE A 67 -7.53 10.69 0.31
N GLY A 68 -8.77 11.08 -0.05
CA GLY A 68 -9.20 11.10 -1.44
C GLY A 68 -9.47 9.71 -2.02
N MET A 69 -9.42 8.66 -1.20
CA MET A 69 -9.60 7.29 -1.69
C MET A 69 -10.62 6.56 -0.82
N GLY A 70 -11.16 5.49 -1.39
CA GLY A 70 -12.10 4.68 -0.61
C GLY A 70 -13.30 5.51 -0.19
N LYS A 71 -13.67 5.37 1.08
CA LYS A 71 -14.75 6.13 1.66
C LYS A 71 -14.28 7.37 2.39
N SER A 72 -12.97 7.68 2.32
CA SER A 72 -12.50 8.92 2.93
C SER A 72 -12.90 10.15 2.11
N ASP A 73 -12.88 11.29 2.78
CA ASP A 73 -13.25 12.55 2.14
C ASP A 73 -12.30 12.91 0.99
N LYS A 74 -12.71 13.94 0.25
CA LYS A 74 -12.04 14.38 -0.98
C LYS A 74 -11.69 15.87 -0.89
N PRO A 75 -10.77 16.25 0.02
CA PRO A 75 -10.34 17.65 0.09
C PRO A 75 -9.65 18.10 -1.19
N ASP A 76 -9.59 19.38 -1.37
CA ASP A 76 -8.93 19.97 -2.54
C ASP A 76 -7.42 20.00 -2.33
N LEU A 77 -6.78 18.89 -2.61
CA LEU A 77 -5.34 18.72 -2.46
C LEU A 77 -4.70 18.47 -3.81
N ASP A 78 -3.35 18.55 -3.83
CA ASP A 78 -2.61 18.02 -4.97
C ASP A 78 -2.51 16.51 -4.89
N TYR A 79 -2.67 15.94 -3.70
CA TYR A 79 -2.54 14.50 -3.50
C TYR A 79 -1.12 14.01 -3.79
N ARG A 80 -0.15 14.88 -3.55
CA ARG A 80 1.25 14.42 -3.57
C ARG A 80 1.52 13.47 -2.40
N PHE A 81 2.63 12.73 -2.50
CA PHE A 81 3.03 11.89 -1.37
C PHE A 81 3.04 12.69 -0.09
N GLU A 82 3.60 13.90 -0.12
CA GLU A 82 3.67 14.70 1.12
C GLU A 82 2.29 14.99 1.71
N ASP A 83 1.24 15.10 0.87
CA ASP A 83 -0.12 15.26 1.40
C ASP A 83 -0.57 13.99 2.11
N HIS A 84 -0.35 12.84 1.47
CA HIS A 84 -0.70 11.59 2.11
C HIS A 84 0.05 11.41 3.42
N VAL A 85 1.31 11.82 3.48
CA VAL A 85 2.08 11.67 4.71
C VAL A 85 1.40 12.47 5.82
N ARG A 86 0.98 13.70 5.51
CA ARG A 86 0.33 14.51 6.55
C ARG A 86 -0.95 13.87 7.05
N TYR A 87 -1.77 13.37 6.14
CA TYR A 87 -3.05 12.84 6.57
C TYR A 87 -2.86 11.51 7.29
N LEU A 88 -1.95 10.66 6.85
CA LEU A 88 -1.76 9.41 7.60
C LEU A 88 -1.13 9.66 8.96
N ASP A 89 -0.18 10.59 9.05
CA ASP A 89 0.40 10.88 10.36
C ASP A 89 -0.72 11.33 11.31
N ALA A 90 -1.61 12.20 10.82
CA ALA A 90 -2.67 12.74 11.67
C ALA A 90 -3.73 11.69 11.97
N PHE A 91 -3.97 10.76 11.07
CA PHE A 91 -4.88 9.64 11.34
C PHE A 91 -4.35 8.80 12.49
N ILE A 92 -3.07 8.44 12.43
CA ILE A 92 -2.49 7.59 13.48
C ILE A 92 -2.56 8.29 14.82
N GLU A 93 -2.24 9.60 14.87
CA GLU A 93 -2.36 10.31 16.14
C GLU A 93 -3.82 10.45 16.60
N ALA A 94 -4.75 10.66 15.68
CA ALA A 94 -6.13 10.87 16.08
C ALA A 94 -6.70 9.61 16.70
N LEU A 95 -6.22 8.43 16.30
N LEU A 95 -6.22 8.43 16.32
CA LEU A 95 -6.63 7.17 16.91
CA LEU A 95 -6.62 7.17 16.94
C LEU A 95 -5.78 6.82 18.13
C LEU A 95 -5.84 6.87 18.19
N GLY A 96 -4.85 7.69 18.51
CA GLY A 96 -4.09 7.45 19.74
C GLY A 96 -3.20 6.23 19.67
N LEU A 97 -2.76 5.81 18.49
CA LEU A 97 -1.97 4.58 18.41
C LEU A 97 -0.58 4.84 18.96
N GLU A 98 -0.06 3.87 19.70
CA GLU A 98 1.28 3.99 20.28
C GLU A 98 2.18 3.10 19.46
N ASP A 99 2.34 1.82 19.78
CA ASP A 99 3.09 0.89 18.95
C ASP A 99 2.16 0.23 17.95
N VAL A 100 2.72 -0.16 16.79
CA VAL A 100 1.94 -0.78 15.72
C VAL A 100 2.76 -1.89 15.07
N VAL A 101 2.07 -2.80 14.41
CA VAL A 101 2.65 -3.64 13.36
C VAL A 101 2.12 -3.12 12.05
N LEU A 102 2.99 -2.92 11.07
CA LEU A 102 2.59 -2.42 9.75
C LEU A 102 2.41 -3.55 8.78
N VAL A 103 1.36 -3.50 7.95
CA VAL A 103 1.17 -4.45 6.83
C VAL A 103 0.92 -3.55 5.60
N ILE A 104 1.83 -3.53 4.61
CA ILE A 104 1.87 -2.41 3.67
C ILE A 104 2.14 -2.90 2.26
N HIS A 105 1.72 -2.06 1.29
CA HIS A 105 1.80 -2.43 -0.13
C HIS A 105 1.88 -1.15 -0.95
N ASP A 106 2.69 -1.15 -2.02
CA ASP A 106 2.60 -0.05 -3.04
C ASP A 106 2.81 1.29 -2.33
N TRP A 107 1.99 2.30 -2.60
CA TRP A 107 2.20 3.56 -1.91
C TRP A 107 1.97 3.47 -0.43
N GLY A 108 1.16 2.51 0.03
CA GLY A 108 1.07 2.19 1.45
C GLY A 108 2.42 1.79 2.04
N SER A 109 3.27 1.12 1.24
CA SER A 109 4.61 0.79 1.72
C SER A 109 5.49 2.01 1.81
N ALA A 110 5.41 2.95 0.85
CA ALA A 110 6.20 4.17 1.02
C ALA A 110 5.76 4.92 2.27
N LEU A 111 4.44 5.00 2.49
CA LEU A 111 3.94 5.67 3.69
C LEU A 111 4.39 4.94 4.93
N GLY A 112 4.26 3.61 4.93
CA GLY A 112 4.60 2.86 6.12
C GLY A 112 6.07 2.88 6.45
N PHE A 113 6.93 2.70 5.44
CA PHE A 113 8.37 2.74 5.71
C PHE A 113 8.82 4.13 6.12
N HIS A 114 8.26 5.17 5.54
CA HIS A 114 8.61 6.53 5.96
C HIS A 114 8.17 6.81 7.39
N TRP A 115 6.99 6.32 7.77
CA TRP A 115 6.55 6.49 9.14
C TRP A 115 7.44 5.70 10.09
N ALA A 116 7.84 4.47 9.68
CA ALA A 116 8.69 3.64 10.54
C ALA A 116 10.05 4.27 10.74
N ARG A 117 10.67 4.82 9.67
CA ARG A 117 11.98 5.43 9.85
C ARG A 117 11.88 6.59 10.84
N ARG A 118 10.78 7.37 10.78
CA ARG A 118 10.63 8.53 11.67
C ARG A 118 10.18 8.15 13.07
N ASN A 119 9.59 6.95 13.24
CA ASN A 119 9.01 6.52 14.53
C ASN A 119 9.46 5.09 14.84
N PRO A 120 10.76 4.84 14.83
CA PRO A 120 11.22 3.43 14.83
C PRO A 120 10.92 2.70 16.11
N GLU A 121 10.83 3.45 17.22
N GLU A 121 10.83 3.41 17.24
CA GLU A 121 10.54 2.85 18.52
CA GLU A 121 10.54 2.71 18.49
C GLU A 121 9.13 2.27 18.55
C GLU A 121 9.06 2.36 18.65
N ARG A 122 8.23 2.75 17.69
CA ARG A 122 6.82 2.40 17.70
C ARG A 122 6.48 1.30 16.73
N VAL A 123 7.43 0.76 15.98
CA VAL A 123 7.12 -0.27 14.99
C VAL A 123 7.62 -1.60 15.50
N ARG A 124 6.74 -2.54 15.73
CA ARG A 124 7.09 -3.85 16.26
C ARG A 124 7.38 -4.90 15.16
N GLY A 125 6.93 -4.65 13.95
CA GLY A 125 7.19 -5.54 12.82
C GLY A 125 6.62 -4.89 11.59
N ILE A 126 7.15 -5.30 10.42
CA ILE A 126 6.63 -4.83 9.13
C ILE A 126 6.43 -6.01 8.20
N ALA A 127 5.20 -6.23 7.75
CA ALA A 127 4.91 -7.15 6.67
C ALA A 127 4.68 -6.33 5.43
N PHE A 128 5.26 -6.73 4.31
CA PHE A 128 5.19 -5.91 3.10
C PHE A 128 5.23 -6.78 1.89
N MET A 129 4.86 -6.16 0.77
CA MET A 129 4.76 -6.87 -0.51
C MET A 129 4.74 -5.83 -1.59
N GLU A 130 5.36 -6.13 -2.73
CA GLU A 130 5.24 -5.28 -3.93
C GLU A 130 5.37 -3.79 -3.53
N PHE A 131 6.54 -3.49 -2.96
CA PHE A 131 6.78 -2.20 -2.30
C PHE A 131 7.61 -1.28 -3.18
N ILE A 132 7.60 -0.01 -2.82
CA ILE A 132 8.27 1.04 -3.59
C ILE A 132 9.72 1.20 -3.13
N ARG A 133 10.64 1.18 -4.08
CA ARG A 133 12.03 1.52 -3.81
C ARG A 133 12.48 2.43 -4.96
N PRO A 134 13.61 3.12 -4.85
CA PRO A 134 14.05 3.98 -5.97
C PRO A 134 14.47 3.15 -7.16
N ILE A 135 14.00 3.53 -8.35
CA ILE A 135 14.33 2.81 -9.57
C ILE A 135 15.20 3.73 -10.39
N PRO A 136 16.48 3.42 -10.61
CA PRO A 136 17.38 4.45 -11.18
C PRO A 136 17.13 4.77 -12.63
N THR A 137 16.62 3.83 -13.41
CA THR A 137 16.39 4.09 -14.84
C THR A 137 15.14 3.37 -15.25
N TRP A 138 14.55 3.83 -16.36
CA TRP A 138 13.38 3.15 -16.91
C TRP A 138 13.69 1.72 -17.31
N ASP A 139 14.92 1.45 -17.74
CA ASP A 139 15.25 0.08 -18.08
C ASP A 139 15.07 -0.88 -16.92
N GLU A 140 15.16 -0.38 -15.67
CA GLU A 140 14.98 -1.20 -14.48
C GLU A 140 13.56 -1.14 -13.96
N TRP A 141 12.70 -0.30 -14.54
CA TRP A 141 11.30 -0.36 -14.18
C TRP A 141 10.70 -1.63 -14.80
N PRO A 142 9.77 -2.30 -14.12
CA PRO A 142 9.21 -3.54 -14.67
C PRO A 142 8.67 -3.36 -16.07
N GLU A 143 8.99 -4.32 -16.93
CA GLU A 143 8.62 -4.20 -18.35
C GLU A 143 7.11 -4.25 -18.54
N PHE A 144 6.40 -5.01 -17.73
CA PHE A 144 4.98 -5.20 -17.96
C PHE A 144 4.26 -3.90 -17.61
N ALA A 145 3.68 -3.26 -18.62
CA ALA A 145 2.97 -1.97 -18.49
C ALA A 145 3.93 -0.80 -18.41
N ARG A 146 5.22 -1.01 -18.74
CA ARG A 146 6.21 0.08 -18.63
C ARG A 146 5.82 1.28 -19.49
N GLU A 147 5.38 1.06 -20.74
CA GLU A 147 5.04 2.19 -21.61
C GLU A 147 3.86 2.95 -21.06
N LEU A 148 2.92 2.25 -20.41
CA LEU A 148 1.81 2.97 -19.78
C LEU A 148 2.32 3.85 -18.66
N PHE A 149 3.23 3.35 -17.82
CA PHE A 149 3.72 4.21 -16.75
C PHE A 149 4.48 5.39 -17.32
N LYS A 150 5.20 5.19 -18.44
CA LYS A 150 5.89 6.33 -19.02
C LYS A 150 4.89 7.36 -19.48
N ALA A 151 3.78 6.89 -20.04
CA ALA A 151 2.80 7.83 -20.56
C ALA A 151 2.04 8.49 -19.40
N PHE A 152 1.87 7.81 -18.27
CA PHE A 152 1.17 8.42 -17.15
C PHE A 152 1.93 9.64 -16.65
N ARG A 153 3.25 9.62 -16.81
CA ARG A 153 4.13 10.67 -16.34
C ARG A 153 4.46 11.63 -17.46
N THR A 154 3.74 11.55 -18.58
CA THR A 154 3.95 12.49 -19.68
C THR A 154 2.89 13.57 -19.65
N PRO A 155 3.29 14.85 -19.65
CA PRO A 155 2.32 15.95 -19.60
C PRO A 155 1.20 15.81 -20.63
N GLY A 156 -0.03 16.10 -20.19
CA GLY A 156 -1.25 16.02 -20.98
C GLY A 156 -1.76 14.60 -21.17
N VAL A 157 -0.88 13.79 -21.77
CA VAL A 157 -1.20 12.40 -22.08
C VAL A 157 -1.65 11.65 -20.84
N GLY A 158 -0.88 11.79 -19.72
CA GLY A 158 -1.17 11.01 -18.55
C GLY A 158 -2.52 11.33 -17.93
N ARG A 159 -2.91 12.61 -17.96
CA ARG A 159 -4.21 12.99 -17.39
C ARG A 159 -5.35 12.46 -18.23
N LYS A 160 -5.19 12.46 -19.55
CA LYS A 160 -6.23 11.87 -20.37
C LYS A 160 -6.39 10.40 -20.05
N MET A 161 -5.27 9.69 -19.89
CA MET A 161 -5.37 8.26 -19.62
C MET A 161 -6.01 8.00 -18.28
N ILE A 162 -5.58 8.71 -17.24
CA ILE A 162 -5.97 8.33 -15.88
C ILE A 162 -7.23 9.02 -15.44
N ILE A 163 -7.31 10.33 -15.69
CA ILE A 163 -8.47 11.11 -15.27
C ILE A 163 -9.65 10.92 -16.23
N GLU A 164 -9.41 11.13 -17.53
CA GLU A 164 -10.56 11.01 -18.41
C GLU A 164 -10.94 9.56 -18.67
N GLN A 165 -9.96 8.67 -18.90
CA GLN A 165 -10.24 7.30 -19.29
C GLN A 165 -10.25 6.32 -18.12
N ASN A 166 -9.87 6.76 -16.93
CA ASN A 166 -9.85 5.90 -15.75
C ASN A 166 -8.99 4.66 -15.94
N MET A 167 -7.85 4.79 -16.63
CA MET A 167 -7.05 3.60 -16.96
C MET A 167 -6.37 2.96 -15.77
N PHE A 168 -6.14 3.68 -14.67
CA PHE A 168 -5.53 3.01 -13.53
C PHE A 168 -6.47 1.97 -12.95
N ILE A 169 -7.76 2.30 -12.89
CA ILE A 169 -8.79 1.38 -12.41
C ILE A 169 -9.12 0.33 -13.48
N GLU A 170 -9.38 0.77 -14.71
CA GLU A 170 -9.94 -0.16 -15.69
C GLU A 170 -8.88 -1.05 -16.35
N GLN A 171 -7.62 -0.61 -16.37
CA GLN A 171 -6.58 -1.37 -17.08
C GLN A 171 -5.49 -1.85 -16.14
N ILE A 172 -4.87 -0.97 -15.36
CA ILE A 172 -3.73 -1.39 -14.55
C ILE A 172 -4.16 -2.41 -13.51
N LEU A 173 -5.20 -2.08 -12.76
CA LEU A 173 -5.61 -2.92 -11.64
C LEU A 173 -5.89 -4.35 -12.09
N PRO A 174 -6.76 -4.61 -13.08
CA PRO A 174 -6.98 -6.01 -13.48
C PRO A 174 -5.77 -6.63 -14.14
N ALA A 175 -4.96 -5.84 -14.86
CA ALA A 175 -3.77 -6.42 -15.47
C ALA A 175 -2.76 -6.87 -14.44
N PHE A 176 -2.80 -6.33 -13.24
CA PHE A 176 -1.82 -6.62 -12.22
C PHE A 176 -2.36 -7.59 -11.17
N VAL A 177 -3.39 -8.34 -11.55
CA VAL A 177 -3.86 -9.50 -10.79
C VAL A 177 -3.86 -10.68 -11.76
N VAL A 178 -3.31 -11.83 -11.36
CA VAL A 178 -3.27 -12.99 -12.27
C VAL A 178 -4.68 -13.54 -12.51
N ARG A 179 -5.42 -13.79 -11.44
CA ARG A 179 -6.77 -14.26 -11.65
C ARG A 179 -7.66 -13.10 -12.12
N PRO A 180 -8.71 -13.40 -12.87
CA PRO A 180 -9.60 -12.31 -13.34
C PRO A 180 -10.42 -11.73 -12.21
N LEU A 181 -10.33 -10.42 -12.03
CA LEU A 181 -11.21 -9.73 -11.07
C LEU A 181 -12.63 -9.75 -11.61
N THR A 182 -13.61 -9.97 -10.71
CA THR A 182 -15.01 -10.02 -11.11
C THR A 182 -15.59 -8.61 -11.22
N GLU A 183 -16.74 -8.52 -11.87
CA GLU A 183 -17.40 -7.23 -11.98
C GLU A 183 -17.77 -6.69 -10.61
N GLU A 184 -18.18 -7.57 -9.68
CA GLU A 184 -18.50 -7.09 -8.33
C GLU A 184 -17.29 -6.46 -7.68
N GLU A 185 -16.11 -7.10 -7.79
CA GLU A 185 -14.90 -6.55 -7.20
C GLU A 185 -14.53 -5.24 -7.89
N MET A 186 -14.61 -5.22 -9.22
CA MET A 186 -14.34 -3.98 -9.97
C MET A 186 -15.27 -2.85 -9.54
N ASP A 187 -16.55 -3.15 -9.28
CA ASP A 187 -17.46 -2.09 -8.84
C ASP A 187 -17.06 -1.55 -7.48
N HIS A 188 -16.56 -2.40 -6.55
CA HIS A 188 -16.06 -1.85 -5.30
C HIS A 188 -14.87 -0.93 -5.53
N TYR A 189 -13.96 -1.29 -6.43
CA TYR A 189 -12.83 -0.42 -6.70
C TYR A 189 -13.22 0.84 -7.48
N ARG A 190 -14.23 0.76 -8.35
CA ARG A 190 -14.69 1.92 -9.12
C ARG A 190 -15.39 2.95 -8.25
N GLU A 191 -16.06 2.53 -7.17
CA GLU A 191 -17.01 3.41 -6.50
C GLU A 191 -16.44 4.76 -6.10
N PRO A 192 -15.24 4.87 -5.55
CA PRO A 192 -14.75 6.21 -5.14
C PRO A 192 -14.42 7.12 -6.30
N PHE A 193 -14.43 6.62 -7.54
CA PHE A 193 -13.88 7.36 -8.69
C PHE A 193 -14.85 7.47 -9.83
N LEU A 194 -16.16 7.39 -9.54
CA LEU A 194 -17.15 7.40 -10.60
C LEU A 194 -17.13 8.69 -11.41
N LYS A 195 -16.79 9.83 -10.76
CA LYS A 195 -16.63 11.08 -11.51
C LYS A 195 -15.15 11.38 -11.76
N PRO A 196 -14.84 11.87 -12.97
CA PRO A 196 -13.44 12.15 -13.32
C PRO A 196 -12.76 13.14 -12.38
N GLU A 197 -13.50 14.11 -11.85
CA GLU A 197 -12.97 15.09 -10.91
C GLU A 197 -12.58 14.48 -9.56
N TRP A 198 -12.87 13.20 -9.35
CA TRP A 198 -12.41 12.54 -8.15
C TRP A 198 -11.10 11.78 -8.35
N ARG A 199 -10.53 11.85 -9.54
CA ARG A 199 -9.45 10.93 -9.87
C ARG A 199 -8.06 11.53 -9.74
N GLU A 200 -7.94 12.75 -9.24
CA GLU A 200 -6.62 13.33 -9.00
C GLU A 200 -5.64 12.44 -8.26
N PRO A 201 -6.00 11.72 -7.19
CA PRO A 201 -4.97 10.92 -6.50
C PRO A 201 -4.42 9.85 -7.42
N LEU A 202 -5.26 9.32 -8.31
CA LEU A 202 -4.85 8.19 -9.16
C LEU A 202 -3.82 8.63 -10.17
N TRP A 203 -3.88 9.88 -10.61
CA TRP A 203 -2.90 10.45 -11.54
C TRP A 203 -1.65 10.95 -10.80
N ARG A 204 -1.81 11.60 -9.66
CA ARG A 204 -0.62 12.10 -8.98
C ARG A 204 0.29 10.98 -8.51
N PHE A 205 -0.28 9.85 -8.08
CA PHE A 205 0.57 8.78 -7.53
C PHE A 205 1.63 8.31 -8.53
N PRO A 206 1.31 7.97 -9.79
CA PRO A 206 2.39 7.49 -10.66
C PRO A 206 3.36 8.59 -11.00
N ASN A 207 2.90 9.85 -10.95
CA ASN A 207 3.77 11.00 -11.12
C ASN A 207 4.66 11.27 -9.92
N GLU A 208 4.44 10.60 -8.80
CA GLU A 208 5.31 10.68 -7.63
C GLU A 208 6.29 9.52 -7.55
N LEU A 209 6.16 8.50 -8.40
CA LEU A 209 7.03 7.33 -8.24
C LEU A 209 8.50 7.74 -8.38
N PRO A 210 9.37 7.19 -7.54
CA PRO A 210 10.80 7.62 -7.59
C PRO A 210 11.53 6.93 -8.70
N ILE A 211 11.69 7.62 -9.84
CA ILE A 211 12.30 7.03 -11.02
C ILE A 211 13.32 8.00 -11.57
N ALA A 212 14.55 7.53 -11.75
CA ALA A 212 15.62 8.35 -12.32
C ALA A 212 15.77 9.68 -11.58
N GLY A 213 15.62 9.63 -10.26
CA GLY A 213 15.81 10.76 -9.38
C GLY A 213 14.67 11.75 -9.33
N GLU A 214 13.54 11.46 -9.97
CA GLU A 214 12.45 12.41 -9.96
C GLU A 214 11.15 11.74 -9.56
N PRO A 215 10.29 12.44 -8.82
CA PRO A 215 10.52 13.80 -8.28
C PRO A 215 11.59 13.76 -7.15
N ALA A 216 12.42 14.80 -7.03
CA ALA A 216 13.59 14.69 -6.17
C ALA A 216 13.20 14.53 -4.71
N ASP A 217 12.07 15.11 -4.30
N ASP A 217 12.08 15.10 -4.28
CA ASP A 217 11.69 15.05 -2.89
CA ASP A 217 11.79 15.02 -2.87
C ASP A 217 11.34 13.62 -2.50
C ASP A 217 11.36 13.60 -2.49
N VAL A 218 10.49 12.97 -3.29
CA VAL A 218 10.13 11.58 -3.02
C VAL A 218 11.35 10.70 -3.18
N TRP A 219 12.17 10.93 -4.18
CA TRP A 219 13.37 10.11 -4.37
C TRP A 219 14.22 10.11 -3.11
N ALA A 220 14.48 11.29 -2.53
CA ALA A 220 15.33 11.35 -1.35
C ALA A 220 14.68 10.64 -0.17
N LEU A 221 13.35 10.80 0.02
N LEU A 221 13.38 10.81 -0.01
CA LEU A 221 12.71 10.13 1.18
CA LEU A 221 12.69 10.19 1.11
C LEU A 221 12.69 8.61 1.04
C LEU A 221 12.74 8.65 1.02
N VAL A 222 12.53 8.12 -0.18
CA VAL A 222 12.50 6.67 -0.40
C VAL A 222 13.93 6.12 -0.25
N GLU A 223 14.95 6.81 -0.75
CA GLU A 223 16.31 6.37 -0.50
C GLU A 223 16.59 6.33 0.99
N ALA A 224 16.07 7.32 1.74
CA ALA A 224 16.32 7.35 3.17
C ALA A 224 15.64 6.18 3.90
N TYR A 225 14.38 5.84 3.55
CA TYR A 225 13.79 4.71 4.26
C TYR A 225 14.41 3.41 3.81
N MET A 226 14.95 3.31 2.59
CA MET A 226 15.62 2.06 2.21
C MET A 226 16.94 1.89 2.96
N ARG A 227 17.69 2.98 3.17
CA ARG A 227 18.90 2.87 4.02
C ARG A 227 18.51 2.38 5.42
N TRP A 228 17.44 2.95 5.97
CA TRP A 228 16.97 2.55 7.29
C TRP A 228 16.59 1.08 7.29
N LEU A 229 15.86 0.61 6.28
CA LEU A 229 15.39 -0.77 6.27
C LEU A 229 16.59 -1.72 6.24
N HIS A 230 17.65 -1.36 5.52
CA HIS A 230 18.78 -2.26 5.43
C HIS A 230 19.57 -2.31 6.73
N GLN A 231 19.35 -1.37 7.65
CA GLN A 231 20.07 -1.40 8.93
C GLN A 231 19.17 -1.71 10.12
N SER A 232 17.87 -1.73 9.94
CA SER A 232 16.98 -1.85 11.10
C SER A 232 16.89 -3.32 11.56
N PRO A 233 16.96 -3.59 12.87
CA PRO A 233 16.65 -4.94 13.37
C PRO A 233 15.17 -5.31 13.38
N VAL A 234 14.27 -4.46 12.94
CA VAL A 234 12.84 -4.77 13.09
C VAL A 234 12.50 -6.08 12.39
N PRO A 235 11.63 -6.92 12.93
CA PRO A 235 11.20 -8.11 12.17
C PRO A 235 10.47 -7.69 10.92
N LYS A 236 10.81 -8.38 9.82
CA LYS A 236 10.28 -8.11 8.50
C LYS A 236 9.74 -9.37 7.88
N LEU A 237 8.62 -9.26 7.17
CA LEU A 237 7.96 -10.37 6.50
C LEU A 237 7.61 -9.90 5.10
N LEU A 238 8.22 -10.50 4.09
CA LEU A 238 7.97 -10.13 2.68
C LEU A 238 7.19 -11.23 2.01
N PHE A 239 6.07 -10.86 1.40
CA PHE A 239 5.30 -11.76 0.55
C PHE A 239 5.61 -11.42 -0.89
N TRP A 240 5.79 -12.45 -1.73
CA TRP A 240 6.12 -12.21 -3.14
C TRP A 240 5.47 -13.30 -3.97
N GLY A 241 5.20 -12.96 -5.24
CA GLY A 241 4.64 -13.90 -6.19
C GLY A 241 5.43 -13.96 -7.46
N GLU A 242 4.98 -14.83 -8.33
CA GLU A 242 5.65 -14.95 -9.60
C GLU A 242 4.64 -14.75 -10.74
N PRO A 243 4.97 -13.97 -11.76
CA PRO A 243 6.28 -13.35 -11.99
C PRO A 243 6.50 -12.10 -11.21
N GLY A 244 5.50 -11.57 -10.52
CA GLY A 244 5.67 -10.35 -9.74
C GLY A 244 5.72 -9.18 -10.71
N VAL A 245 5.73 -7.98 -10.12
CA VAL A 245 5.88 -6.74 -10.92
C VAL A 245 7.09 -5.98 -10.36
N LEU A 246 6.91 -5.31 -9.22
CA LEU A 246 8.05 -4.62 -8.62
C LEU A 246 9.05 -5.60 -7.98
N ILE A 247 8.57 -6.75 -7.48
CA ILE A 247 9.40 -7.72 -6.73
C ILE A 247 9.27 -9.06 -7.42
N PRO A 248 9.93 -9.26 -8.55
CA PRO A 248 10.01 -10.57 -9.17
C PRO A 248 10.90 -11.48 -8.32
N PRO A 249 10.97 -12.76 -8.65
CA PRO A 249 11.78 -13.69 -7.83
C PRO A 249 13.21 -13.23 -7.60
N GLU A 250 13.89 -12.65 -8.61
CA GLU A 250 15.28 -12.26 -8.45
C GLU A 250 15.40 -11.10 -7.48
N GLU A 251 14.37 -10.27 -7.38
CA GLU A 251 14.38 -9.22 -6.39
C GLU A 251 14.08 -9.74 -5.00
N ALA A 252 13.15 -10.71 -4.85
CA ALA A 252 12.96 -11.34 -3.55
C ALA A 252 14.28 -11.96 -3.09
N GLU A 253 15.03 -12.57 -4.00
CA GLU A 253 16.34 -13.10 -3.63
C GLU A 253 17.29 -12.02 -3.13
N ARG A 254 17.35 -10.89 -3.84
CA ARG A 254 18.23 -9.82 -3.34
C ARG A 254 17.78 -9.32 -1.96
N CYS A 255 16.49 -9.30 -1.69
CA CYS A 255 16.02 -8.95 -0.36
C CYS A 255 16.49 -9.96 0.68
N ARG A 256 16.34 -11.26 0.38
CA ARG A 256 16.80 -12.30 1.30
C ARG A 256 18.28 -12.15 1.60
N GLU A 257 19.05 -11.73 0.62
CA GLU A 257 20.49 -11.66 0.80
C GLU A 257 20.95 -10.37 1.46
N SER A 258 20.09 -9.38 1.63
CA SER A 258 20.48 -8.05 2.12
C SER A 258 19.76 -7.58 3.38
N LEU A 259 18.48 -7.82 3.53
CA LEU A 259 17.75 -7.16 4.62
C LEU A 259 17.93 -7.92 5.91
N PRO A 260 18.06 -7.24 7.03
CA PRO A 260 18.16 -7.95 8.31
C PRO A 260 16.80 -8.46 8.79
N ASN A 261 16.83 -9.58 9.48
CA ASN A 261 15.68 -10.10 10.24
C ASN A 261 14.46 -10.29 9.36
N LEU A 262 14.66 -10.87 8.18
CA LEU A 262 13.62 -11.02 7.17
C LEU A 262 13.18 -12.46 7.06
N LYS A 263 11.87 -12.68 7.03
CA LYS A 263 11.28 -13.94 6.58
C LYS A 263 10.53 -13.64 5.28
N THR A 264 10.60 -14.57 4.33
CA THR A 264 9.87 -14.41 3.09
C THR A 264 8.89 -15.54 2.88
N VAL A 265 7.77 -15.21 2.22
CA VAL A 265 6.70 -16.15 1.94
C VAL A 265 6.31 -16.02 0.49
N PHE A 266 6.44 -17.13 -0.24
CA PHE A 266 6.04 -17.20 -1.64
C PHE A 266 4.53 -17.46 -1.71
N ILE A 267 3.82 -16.66 -2.48
CA ILE A 267 2.35 -16.81 -2.52
C ILE A 267 1.85 -17.49 -3.77
N GLY A 268 2.72 -17.97 -4.68
CA GLY A 268 2.24 -18.57 -5.92
C GLY A 268 2.18 -17.52 -7.02
N PRO A 269 1.31 -17.77 -7.99
CA PRO A 269 1.10 -16.79 -9.07
C PRO A 269 0.71 -15.43 -8.53
N GLY A 270 1.38 -14.38 -9.03
CA GLY A 270 1.02 -13.04 -8.59
C GLY A 270 1.76 -12.03 -9.42
N LEU A 271 1.16 -10.85 -9.53
CA LEU A 271 1.74 -9.73 -10.28
C LEU A 271 1.99 -8.63 -9.28
N HIS A 272 1.08 -7.66 -9.13
CA HIS A 272 1.27 -6.56 -8.20
C HIS A 272 0.30 -6.60 -7.02
N TYR A 273 -0.99 -6.77 -7.29
CA TYR A 273 -2.00 -6.76 -6.20
C TYR A 273 -2.15 -8.17 -5.64
N LEU A 274 -1.09 -8.62 -4.97
CA LEU A 274 -0.97 -10.02 -4.53
C LEU A 274 -2.13 -10.44 -3.63
N GLN A 275 -2.68 -9.47 -2.92
CA GLN A 275 -3.82 -9.71 -2.02
C GLN A 275 -5.02 -10.28 -2.75
N GLU A 276 -5.17 -10.00 -4.04
CA GLU A 276 -6.27 -10.53 -4.80
C GLU A 276 -5.99 -11.89 -5.36
N ASP A 277 -4.72 -12.33 -5.36
CA ASP A 277 -4.39 -13.66 -5.87
C ASP A 277 -4.35 -14.71 -4.77
N ASN A 278 -3.84 -14.37 -3.59
CA ASN A 278 -3.73 -15.36 -2.53
C ASN A 278 -3.85 -14.69 -1.16
N PRO A 279 -5.03 -14.14 -0.85
CA PRO A 279 -5.22 -13.51 0.47
C PRO A 279 -5.10 -14.49 1.59
N ASP A 280 -5.45 -15.75 1.41
CA ASP A 280 -5.39 -16.66 2.57
C ASP A 280 -3.97 -16.95 3.00
N GLU A 281 -3.03 -17.09 2.06
CA GLU A 281 -1.63 -17.33 2.46
C GLU A 281 -1.08 -16.10 3.12
N ILE A 282 -1.43 -14.92 2.59
CA ILE A 282 -0.96 -13.69 3.20
C ILE A 282 -1.50 -13.52 4.63
N GLY A 283 -2.82 -13.67 4.80
CA GLY A 283 -3.38 -13.46 6.14
C GLY A 283 -2.96 -14.53 7.12
N SER A 284 -2.94 -15.79 6.70
CA SER A 284 -2.58 -16.84 7.64
C SER A 284 -1.12 -16.74 8.06
N GLU A 285 -0.22 -16.35 7.14
CA GLU A 285 1.18 -16.23 7.51
C GLU A 285 1.44 -14.99 8.33
N ILE A 286 0.72 -13.89 8.11
CA ILE A 286 0.85 -12.78 9.03
C ILE A 286 0.42 -13.24 10.43
N ALA A 287 -0.71 -13.95 10.51
CA ALA A 287 -1.20 -14.35 11.83
C ALA A 287 -0.18 -15.23 12.54
N ARG A 288 0.48 -16.14 11.80
CA ARG A 288 1.46 -17.04 12.42
C ARG A 288 2.70 -16.28 12.89
N TRP A 289 3.06 -15.20 12.21
CA TRP A 289 4.28 -14.44 12.49
C TRP A 289 4.08 -13.44 13.63
N LEU A 290 2.87 -12.96 13.86
CA LEU A 290 2.66 -11.92 14.88
C LEU A 290 3.08 -12.32 16.30
N PRO A 291 2.81 -13.55 16.79
CA PRO A 291 3.13 -13.84 18.20
C PRO A 291 4.57 -13.59 18.57
N ALA A 292 5.50 -13.88 17.67
CA ALA A 292 6.94 -13.72 17.93
C ALA A 292 7.41 -12.27 17.96
N LEU A 293 6.62 -11.34 17.51
CA LEU A 293 6.98 -9.92 17.69
C LEU A 293 7.04 -9.50 19.22
N HIS A 294 6.95 -10.49 20.12
CA HIS A 294 6.74 -10.31 21.56
C HIS A 294 5.59 -9.35 21.83
#